data_2GPH
#
_entry.id   2GPH
#
_cell.length_a   45.981
_cell.length_b   66.342
_cell.length_c   116.112
_cell.angle_alpha   90.00
_cell.angle_beta   90.00
_cell.angle_gamma   90.00
#
_symmetry.space_group_name_H-M   'P 21 21 21'
#
loop_
_entity.id
_entity.type
_entity.pdbx_description
1 polymer 'Mitogen-activated protein kinase 1'
2 polymer 'Tyrosine-protein phosphatase non-receptor type 7'
3 water water
#
loop_
_entity_poly.entity_id
_entity_poly.type
_entity_poly.pdbx_seq_one_letter_code
_entity_poly.pdbx_strand_id
1 'polypeptide(L)'
;HHHHHHMAAAAAAGPEMVRGQVFDVGPRYTNLSYIGEGAYGMVCSAYDNLNKVRVAIKKISPFEHQTYCQRTLREIKILL
RFRHENIIGINDIIRAPTIEQMKDVYIVQDLMETDLYKLLKCQHLSNDHICYFLYQILRGLKYIHSANVLHRDLKPSNLL
LNTTCDLKICDFGLARVADPDHDHTGFLTEYVATRWYRAPEIMLNSKGYTKSIDIWSVGCILAEMLSNRPIFPGKHYLDQ
LNHILGILGSPSQEDLNCIINLKARNYLLSLPHKNKVPWNRLFPNADSKALDLLDKMLTFNPHKRIEVEQALAHPYLEQY
YDPSDEPIAEAPFKFDMELDDLPKEKLKELIFEETARFQPGYRS
;
A
2 'polypeptide(L)' RLQERRGSNVALMLDC B
#
# COMPACT_ATOMS: atom_id res chain seq x y z
N GLU A 16 -9.79 21.01 -19.08
CA GLU A 16 -10.89 21.30 -18.12
C GLU A 16 -12.21 20.70 -18.58
N MET A 17 -12.30 19.37 -18.64
CA MET A 17 -13.54 18.76 -19.08
C MET A 17 -13.60 17.26 -18.86
N VAL A 18 -13.86 16.83 -17.62
CA VAL A 18 -13.97 15.40 -17.39
C VAL A 18 -15.33 15.01 -16.86
N ARG A 19 -15.94 14.07 -17.57
CA ARG A 19 -17.25 13.53 -17.26
C ARG A 19 -17.89 14.10 -16.01
N GLY A 20 -18.52 15.27 -16.13
CA GLY A 20 -19.19 15.80 -14.96
C GLY A 20 -18.84 17.16 -14.37
N GLN A 21 -17.67 17.28 -13.74
CA GLN A 21 -17.35 18.55 -13.10
C GLN A 21 -16.07 19.31 -13.44
N VAL A 22 -15.95 20.43 -12.74
CA VAL A 22 -14.84 21.36 -12.86
C VAL A 22 -13.53 20.68 -12.49
N PHE A 23 -12.63 20.58 -13.46
CA PHE A 23 -11.33 19.99 -13.22
C PHE A 23 -10.38 21.07 -13.69
N ASP A 24 -10.46 22.21 -13.01
CA ASP A 24 -9.66 23.38 -13.33
C ASP A 24 -8.27 23.30 -12.72
N VAL A 25 -7.40 22.60 -13.43
CA VAL A 25 -6.04 22.44 -12.99
C VAL A 25 -5.24 23.58 -13.62
N GLY A 26 -5.87 24.75 -13.64
CA GLY A 26 -5.29 25.98 -14.16
C GLY A 26 -4.74 25.87 -15.56
N PRO A 27 -3.86 26.81 -15.95
CA PRO A 27 -3.22 26.88 -17.27
C PRO A 27 -2.04 25.94 -17.38
N ARG A 28 -1.39 25.70 -16.25
CA ARG A 28 -0.21 24.84 -16.24
C ARG A 28 -0.51 23.45 -16.75
N TYR A 29 -1.67 22.91 -16.37
CA TYR A 29 -2.05 21.56 -16.81
C TYR A 29 -3.21 21.61 -17.80
N THR A 30 -3.03 20.97 -18.96
CA THR A 30 -4.04 20.96 -20.00
C THR A 30 -4.01 19.59 -20.68
N ASN A 31 -4.81 19.42 -21.73
CA ASN A 31 -4.86 18.15 -22.45
C ASN A 31 -5.40 17.07 -21.50
N LEU A 32 -6.41 17.43 -20.72
CA LEU A 32 -7.04 16.55 -19.73
C LEU A 32 -7.76 15.29 -20.21
N SER A 33 -7.10 14.15 -20.06
CA SER A 33 -7.70 12.87 -20.43
C SER A 33 -8.26 12.28 -19.13
N TYR A 34 -9.06 11.22 -19.24
CA TYR A 34 -9.65 10.59 -18.05
C TYR A 34 -8.93 9.28 -17.76
N ILE A 35 -8.53 9.06 -16.50
CA ILE A 35 -7.81 7.84 -16.13
C ILE A 35 -8.63 6.89 -15.25
N GLY A 36 -7.92 5.91 -14.68
CA GLY A 36 -8.54 4.90 -13.82
C GLY A 36 -8.59 5.26 -12.34
N GLU A 37 -9.77 5.06 -11.76
CA GLU A 37 -10.05 5.35 -10.36
C GLU A 37 -9.04 4.92 -9.30
N GLY A 38 -8.79 5.82 -8.35
CA GLY A 38 -7.87 5.54 -7.26
C GLY A 38 -8.64 5.18 -6.01
N ALA A 39 -9.04 6.19 -5.24
CA ALA A 39 -9.81 6.00 -4.00
C ALA A 39 -10.33 7.33 -3.49
N TYR A 40 -9.66 8.42 -3.87
CA TYR A 40 -10.03 9.76 -3.43
C TYR A 40 -11.03 10.44 -4.36
N GLY A 41 -11.31 9.82 -5.50
CA GLY A 41 -12.25 10.44 -6.41
C GLY A 41 -11.84 10.33 -7.86
N MET A 42 -12.15 11.39 -8.61
CA MET A 42 -11.84 11.43 -10.04
C MET A 42 -10.36 11.68 -10.31
N VAL A 43 -9.78 10.86 -11.19
CA VAL A 43 -8.38 10.96 -11.57
C VAL A 43 -8.27 11.20 -13.08
N CYS A 44 -7.47 12.21 -13.46
CA CYS A 44 -7.26 12.55 -14.86
C CYS A 44 -5.77 12.51 -15.20
N SER A 45 -5.45 12.51 -16.47
CA SER A 45 -4.04 12.57 -16.89
C SER A 45 -3.98 13.97 -17.49
N ALA A 46 -2.78 14.53 -17.63
CA ALA A 46 -2.67 15.88 -18.15
C ALA A 46 -1.27 16.23 -18.61
N TYR A 47 -1.16 17.39 -19.25
CA TYR A 47 0.13 17.86 -19.73
C TYR A 47 0.59 18.98 -18.82
N ASP A 48 1.81 18.84 -18.31
CA ASP A 48 2.40 19.83 -17.42
C ASP A 48 3.17 20.80 -18.32
N ASN A 49 2.58 21.94 -18.62
CA ASN A 49 3.19 22.93 -19.48
C ASN A 49 4.43 23.59 -18.87
N LEU A 50 4.70 23.29 -17.60
CA LEU A 50 5.88 23.85 -16.95
C LEU A 50 7.03 22.87 -17.06
N ASN A 51 6.83 21.63 -16.63
CA ASN A 51 7.88 20.64 -16.72
C ASN A 51 7.87 19.94 -18.07
N LYS A 52 6.90 20.29 -18.90
CA LYS A 52 6.79 19.73 -20.25
C LYS A 52 6.76 18.20 -20.29
N VAL A 53 5.83 17.61 -19.54
CA VAL A 53 5.66 16.15 -19.47
C VAL A 53 4.24 15.84 -19.04
N ARG A 54 3.74 14.66 -19.41
CA ARG A 54 2.39 14.25 -19.03
C ARG A 54 2.45 13.79 -17.56
N VAL A 55 1.40 14.09 -16.80
CA VAL A 55 1.36 13.73 -15.39
C VAL A 55 0.02 13.08 -15.04
N ALA A 56 -0.20 12.83 -13.76
CA ALA A 56 -1.44 12.25 -13.27
C ALA A 56 -2.02 13.23 -12.28
N ILE A 57 -3.34 13.44 -12.32
CA ILE A 57 -3.96 14.40 -11.41
C ILE A 57 -5.23 13.86 -10.76
N LYS A 58 -5.29 14.00 -9.44
CA LYS A 58 -6.39 13.50 -8.65
C LYS A 58 -7.19 14.62 -7.99
N LYS A 59 -8.49 14.64 -8.23
CA LYS A 59 -9.34 15.66 -7.62
C LYS A 59 -9.92 15.16 -6.30
N ILE A 60 -9.87 15.99 -5.28
CA ILE A 60 -10.38 15.61 -3.98
C ILE A 60 -11.36 16.67 -3.48
N SER A 61 -12.32 16.26 -2.65
CA SER A 61 -13.34 17.15 -2.08
C SER A 61 -13.81 16.40 -0.84
N PRO A 62 -13.05 16.48 0.26
CA PRO A 62 -13.42 15.78 1.49
C PRO A 62 -13.81 16.60 2.70
N PHE A 63 -13.98 17.92 2.53
CA PHE A 63 -14.26 18.79 3.65
C PHE A 63 -15.54 18.68 4.47
N GLU A 64 -16.51 17.92 3.96
CA GLU A 64 -17.77 17.70 4.68
C GLU A 64 -17.67 16.41 5.52
N HIS A 65 -16.66 15.59 5.22
CA HIS A 65 -16.48 14.32 5.94
C HIS A 65 -15.19 14.23 6.72
N GLN A 66 -15.34 14.07 8.02
CA GLN A 66 -14.23 13.96 8.94
C GLN A 66 -13.17 12.94 8.47
N THR A 67 -13.61 11.77 8.00
CA THR A 67 -12.67 10.73 7.59
C THR A 67 -12.03 10.92 6.21
N TYR A 68 -12.74 11.55 5.29
CA TYR A 68 -12.18 11.82 3.97
C TYR A 68 -11.07 12.85 4.20
N CYS A 69 -11.31 13.75 5.13
CA CYS A 69 -10.34 14.79 5.48
C CYS A 69 -9.11 14.18 6.12
N GLN A 70 -9.33 13.26 7.06
CA GLN A 70 -8.24 12.60 7.77
C GLN A 70 -7.31 11.91 6.77
N ARG A 71 -7.91 11.14 5.87
CA ARG A 71 -7.13 10.41 4.90
C ARG A 71 -6.41 11.32 3.93
N THR A 72 -7.07 12.39 3.50
CA THR A 72 -6.46 13.35 2.58
C THR A 72 -5.26 14.00 3.26
N LEU A 73 -5.41 14.41 4.52
CA LEU A 73 -4.31 15.02 5.26
C LEU A 73 -3.14 14.05 5.50
N ARG A 74 -3.44 12.80 5.82
CA ARG A 74 -2.39 11.82 6.06
C ARG A 74 -1.59 11.59 4.80
N GLU A 75 -2.29 11.31 3.72
CA GLU A 75 -1.67 11.08 2.44
C GLU A 75 -0.72 12.22 2.09
N ILE A 76 -1.19 13.45 2.26
CA ILE A 76 -0.37 14.61 1.93
C ILE A 76 0.81 14.85 2.90
N LYS A 77 0.58 14.75 4.21
CA LYS A 77 1.66 14.97 5.15
C LYS A 77 2.79 13.95 4.94
N ILE A 78 2.42 12.71 4.65
CA ILE A 78 3.42 11.67 4.49
C ILE A 78 4.12 11.70 3.15
N LEU A 79 3.36 11.80 2.05
CA LEU A 79 3.98 11.79 0.75
C LEU A 79 4.86 12.98 0.50
N LEU A 80 4.51 14.13 1.07
CA LEU A 80 5.33 15.33 0.93
C LEU A 80 6.70 15.13 1.59
N ARG A 81 6.73 14.32 2.64
CA ARG A 81 7.98 14.10 3.37
C ARG A 81 8.76 12.87 2.98
N PHE A 82 8.24 12.08 2.05
CA PHE A 82 8.94 10.89 1.60
C PHE A 82 9.59 11.22 0.27
N ARG A 83 10.75 10.64 0.01
CA ARG A 83 11.41 10.82 -1.27
C ARG A 83 12.11 9.49 -1.56
N HIS A 84 11.52 8.68 -2.42
CA HIS A 84 12.08 7.37 -2.72
C HIS A 84 11.64 6.89 -4.09
N GLU A 85 12.57 6.26 -4.79
CA GLU A 85 12.35 5.75 -6.14
C GLU A 85 11.14 4.83 -6.26
N ASN A 86 10.87 4.04 -5.22
CA ASN A 86 9.73 3.15 -5.25
C ASN A 86 8.53 3.63 -4.48
N ILE A 87 8.42 4.95 -4.32
CA ILE A 87 7.28 5.55 -3.64
C ILE A 87 6.82 6.73 -4.47
N ILE A 88 5.53 6.75 -4.78
CA ILE A 88 4.98 7.84 -5.58
C ILE A 88 5.17 9.16 -4.82
N GLY A 89 5.50 10.22 -5.54
CA GLY A 89 5.71 11.50 -4.89
C GLY A 89 4.63 12.49 -5.27
N ILE A 90 4.61 13.66 -4.63
CA ILE A 90 3.65 14.69 -4.97
C ILE A 90 4.45 15.79 -5.65
N ASN A 91 4.12 16.00 -6.92
CA ASN A 91 4.77 16.98 -7.74
C ASN A 91 4.19 18.38 -7.52
N ASP A 92 2.90 18.47 -7.19
CA ASP A 92 2.25 19.77 -7.00
C ASP A 92 0.87 19.57 -6.39
N ILE A 93 0.32 20.62 -5.81
CA ILE A 93 -1.00 20.55 -5.21
C ILE A 93 -1.76 21.83 -5.55
N ILE A 94 -2.89 21.68 -6.24
CA ILE A 94 -3.69 22.82 -6.63
C ILE A 94 -4.91 22.97 -5.72
N ARG A 95 -5.05 24.14 -5.10
CA ARG A 95 -6.20 24.42 -4.24
C ARG A 95 -6.47 25.93 -4.25
N ALA A 96 -7.66 26.33 -3.84
CA ALA A 96 -8.04 27.75 -3.83
C ALA A 96 -7.21 28.65 -2.90
N PRO A 97 -7.15 29.95 -3.23
CA PRO A 97 -6.43 31.00 -2.50
C PRO A 97 -6.69 31.13 -0.99
N THR A 98 -7.95 31.07 -0.57
CA THR A 98 -8.27 31.20 0.85
C THR A 98 -9.03 30.00 1.40
N ILE A 99 -8.80 29.70 2.68
CA ILE A 99 -9.43 28.57 3.33
C ILE A 99 -10.94 28.50 3.08
N GLU A 100 -11.54 29.65 2.77
CA GLU A 100 -12.99 29.74 2.50
C GLU A 100 -13.40 29.27 1.11
N GLN A 101 -12.56 29.58 0.12
CA GLN A 101 -12.83 29.21 -1.26
C GLN A 101 -12.43 27.78 -1.56
N MET A 102 -11.61 27.21 -0.68
CA MET A 102 -11.12 25.85 -0.87
C MET A 102 -12.17 24.79 -0.60
N LYS A 103 -12.60 24.11 -1.66
CA LYS A 103 -13.56 23.04 -1.52
C LYS A 103 -12.97 21.75 -2.13
N ASP A 104 -12.17 21.89 -3.19
CA ASP A 104 -11.54 20.72 -3.82
C ASP A 104 -10.02 20.81 -3.66
N VAL A 105 -9.33 19.73 -4.01
CA VAL A 105 -7.87 19.69 -3.93
C VAL A 105 -7.35 18.78 -5.02
N TYR A 106 -6.45 19.27 -5.85
CA TYR A 106 -5.91 18.46 -6.93
C TYR A 106 -4.47 18.08 -6.60
N ILE A 107 -4.21 16.78 -6.56
CA ILE A 107 -2.86 16.30 -6.26
C ILE A 107 -2.24 15.78 -7.54
N VAL A 108 -1.11 16.38 -7.90
CA VAL A 108 -0.38 16.04 -9.11
C VAL A 108 0.78 15.13 -8.82
N GLN A 109 0.87 14.04 -9.59
CA GLN A 109 1.92 13.05 -9.38
C GLN A 109 2.46 12.53 -10.70
N ASP A 110 3.49 11.71 -10.65
CA ASP A 110 4.04 11.14 -11.87
C ASP A 110 3.03 10.20 -12.52
N LEU A 111 2.89 10.31 -13.83
CA LEU A 111 1.96 9.47 -14.56
C LEU A 111 2.53 8.06 -14.57
N MET A 112 1.71 7.09 -14.22
CA MET A 112 2.17 5.71 -14.22
C MET A 112 1.22 4.95 -15.16
N GLU A 113 1.82 4.15 -16.02
CA GLU A 113 1.14 3.37 -17.04
C GLU A 113 0.03 2.40 -16.60
N THR A 114 0.26 1.68 -15.52
CA THR A 114 -0.69 0.67 -15.10
C THR A 114 -0.39 0.29 -13.66
N ASP A 115 -1.02 -0.76 -13.15
CA ASP A 115 -0.74 -1.20 -11.78
C ASP A 115 -0.77 -2.70 -11.72
N LEU A 116 -0.28 -3.27 -10.62
CA LEU A 116 -0.24 -4.71 -10.47
C LEU A 116 -1.62 -5.37 -10.58
N TYR A 117 -2.66 -4.67 -10.15
CA TYR A 117 -4.02 -5.21 -10.23
C TYR A 117 -4.38 -5.46 -11.70
N LYS A 118 -4.14 -4.47 -12.56
CA LYS A 118 -4.48 -4.61 -13.98
C LYS A 118 -3.61 -5.68 -14.61
N LEU A 119 -2.32 -5.61 -14.32
CA LEU A 119 -1.36 -6.57 -14.85
C LEU A 119 -1.71 -8.02 -14.50
N LEU A 120 -2.09 -8.28 -13.25
CA LEU A 120 -2.42 -9.65 -12.84
C LEU A 120 -3.66 -10.19 -13.54
N LYS A 121 -4.49 -9.30 -14.09
CA LYS A 121 -5.68 -9.72 -14.81
C LYS A 121 -5.38 -10.06 -16.27
N CYS A 122 -4.22 -9.66 -16.79
CA CYS A 122 -3.97 -9.88 -18.20
C CYS A 122 -2.67 -10.62 -18.57
N GLN A 123 -1.74 -10.66 -17.62
CA GLN A 123 -0.44 -11.27 -17.91
C GLN A 123 0.02 -12.33 -16.93
N HIS A 124 0.68 -13.35 -17.48
CA HIS A 124 1.27 -14.42 -16.66
C HIS A 124 2.68 -13.89 -16.36
N LEU A 125 3.01 -13.68 -15.09
CA LEU A 125 4.32 -13.12 -14.75
C LEU A 125 5.43 -14.15 -14.66
N SER A 126 6.49 -13.98 -15.44
CA SER A 126 7.59 -14.91 -15.36
C SER A 126 8.21 -14.69 -13.97
N ASN A 127 8.98 -15.66 -13.54
CA ASN A 127 9.67 -15.61 -12.27
C ASN A 127 10.61 -14.39 -12.21
N ASP A 128 11.18 -14.00 -13.35
CA ASP A 128 12.02 -12.80 -13.37
C ASP A 128 11.19 -11.56 -13.03
N HIS A 129 9.96 -11.47 -13.57
CA HIS A 129 9.07 -10.34 -13.28
C HIS A 129 8.70 -10.36 -11.80
N ILE A 130 8.28 -11.53 -11.33
CA ILE A 130 7.91 -11.65 -9.91
C ILE A 130 9.02 -11.21 -8.98
N CYS A 131 10.24 -11.67 -9.28
CA CYS A 131 11.41 -11.35 -8.46
C CYS A 131 11.67 -9.84 -8.39
N TYR A 132 11.65 -9.19 -9.54
CA TYR A 132 11.91 -7.76 -9.62
C TYR A 132 10.76 -6.91 -9.03
N PHE A 133 9.51 -7.35 -9.20
CA PHE A 133 8.39 -6.60 -8.62
C PHE A 133 8.47 -6.69 -7.09
N LEU A 134 8.63 -7.92 -6.59
CA LEU A 134 8.71 -8.14 -5.15
C LEU A 134 9.87 -7.37 -4.50
N TYR A 135 11.01 -7.34 -5.18
CA TYR A 135 12.17 -6.61 -4.67
C TYR A 135 11.86 -5.11 -4.52
N GLN A 136 11.22 -4.51 -5.52
CA GLN A 136 10.88 -3.06 -5.47
C GLN A 136 9.84 -2.75 -4.39
N ILE A 137 8.88 -3.64 -4.24
CA ILE A 137 7.84 -3.49 -3.22
C ILE A 137 8.56 -3.44 -1.87
N LEU A 138 9.46 -4.39 -1.62
CA LEU A 138 10.20 -4.43 -0.35
C LEU A 138 11.20 -3.27 -0.17
N ARG A 139 11.81 -2.82 -1.25
CA ARG A 139 12.78 -1.74 -1.15
C ARG A 139 12.04 -0.48 -0.73
N GLY A 140 10.85 -0.29 -1.29
CA GLY A 140 10.04 0.86 -0.92
C GLY A 140 9.53 0.68 0.51
N LEU A 141 9.13 -0.53 0.86
CA LEU A 141 8.59 -0.79 2.20
C LEU A 141 9.69 -0.56 3.26
N LYS A 142 10.92 -0.96 2.93
CA LYS A 142 12.06 -0.77 3.84
C LYS A 142 12.15 0.71 4.22
N TYR A 143 11.99 1.59 3.24
CA TYR A 143 12.03 3.03 3.48
C TYR A 143 10.80 3.47 4.32
N ILE A 144 9.62 3.01 3.94
CA ILE A 144 8.44 3.37 4.70
C ILE A 144 8.60 2.97 6.17
N HIS A 145 8.99 1.72 6.41
CA HIS A 145 9.14 1.24 7.78
C HIS A 145 10.30 1.90 8.52
N SER A 146 11.32 2.30 7.79
CA SER A 146 12.46 2.95 8.41
C SER A 146 12.03 4.35 8.91
N ALA A 147 10.91 4.85 8.39
CA ALA A 147 10.37 6.16 8.78
C ALA A 147 9.40 6.00 9.95
N ASN A 148 9.29 4.76 10.42
CA ASN A 148 8.36 4.41 11.50
C ASN A 148 6.90 4.53 11.05
N VAL A 149 6.65 4.23 9.78
CA VAL A 149 5.29 4.30 9.26
C VAL A 149 4.81 2.91 8.83
N LEU A 150 3.52 2.68 9.05
CA LEU A 150 2.83 1.46 8.69
C LEU A 150 1.95 1.92 7.53
N HIS A 151 2.00 1.23 6.38
CA HIS A 151 1.14 1.59 5.25
C HIS A 151 -0.30 1.17 5.55
N ARG A 152 -0.45 -0.05 6.03
CA ARG A 152 -1.72 -0.67 6.43
C ARG A 152 -2.72 -1.01 5.33
N ASP A 153 -2.44 -0.66 4.09
CA ASP A 153 -3.40 -1.03 3.05
C ASP A 153 -2.76 -1.44 1.73
N LEU A 154 -1.66 -2.18 1.82
CA LEU A 154 -0.99 -2.65 0.62
C LEU A 154 -1.87 -3.66 -0.12
N LYS A 155 -1.94 -3.53 -1.44
CA LYS A 155 -2.72 -4.42 -2.29
C LYS A 155 -2.28 -4.15 -3.73
N PRO A 156 -2.59 -5.05 -4.67
CA PRO A 156 -2.15 -4.82 -6.06
C PRO A 156 -2.45 -3.45 -6.70
N SER A 157 -3.66 -2.93 -6.49
CA SER A 157 -4.00 -1.62 -7.09
C SER A 157 -3.22 -0.44 -6.50
N ASN A 158 -2.52 -0.68 -5.40
CA ASN A 158 -1.73 0.37 -4.79
C ASN A 158 -0.28 0.25 -5.25
N LEU A 159 -0.02 -0.62 -6.22
CA LEU A 159 1.33 -0.80 -6.73
C LEU A 159 1.35 -0.36 -8.20
N LEU A 160 1.77 0.88 -8.42
CA LEU A 160 1.80 1.47 -9.76
C LEU A 160 3.04 1.06 -10.51
N LEU A 161 2.93 0.90 -11.83
CA LEU A 161 4.05 0.50 -12.67
C LEU A 161 4.11 1.29 -13.97
N ASN A 162 5.33 1.49 -14.46
CA ASN A 162 5.52 2.17 -15.73
C ASN A 162 5.76 1.05 -16.74
N THR A 163 5.95 1.43 -18.01
CA THR A 163 6.18 0.48 -19.08
C THR A 163 7.52 -0.25 -19.00
N THR A 164 8.41 0.22 -18.12
CA THR A 164 9.70 -0.42 -17.95
C THR A 164 9.78 -1.19 -16.63
N CYS A 165 8.62 -1.51 -16.08
CA CYS A 165 8.51 -2.28 -14.86
C CYS A 165 9.01 -1.61 -13.58
N ASP A 166 9.18 -0.29 -13.60
CA ASP A 166 9.59 0.45 -12.42
C ASP A 166 8.31 0.49 -11.60
N LEU A 167 8.42 0.20 -10.30
CA LEU A 167 7.27 0.09 -9.40
C LEU A 167 7.23 1.17 -8.32
N LYS A 168 6.03 1.64 -7.98
CA LYS A 168 5.87 2.67 -6.96
C LYS A 168 4.65 2.42 -6.09
N ILE A 169 4.86 2.49 -4.78
CA ILE A 169 3.79 2.29 -3.79
C ILE A 169 3.06 3.63 -3.65
N CYS A 170 1.74 3.60 -3.60
CA CYS A 170 0.94 4.83 -3.45
C CYS A 170 -0.19 4.60 -2.44
N ASP A 171 -1.01 5.64 -2.26
CA ASP A 171 -2.16 5.64 -1.36
C ASP A 171 -1.84 5.39 0.10
N PHE A 172 -1.41 6.45 0.75
CA PHE A 172 -1.06 6.37 2.16
C PHE A 172 -2.16 6.96 3.04
N GLY A 173 -3.39 7.00 2.53
CA GLY A 173 -4.48 7.57 3.30
C GLY A 173 -4.79 6.87 4.61
N LEU A 174 -4.48 5.59 4.69
CA LEU A 174 -4.73 4.81 5.90
C LEU A 174 -3.46 4.55 6.70
N ALA A 175 -2.36 5.15 6.31
CA ALA A 175 -1.11 4.92 7.01
C ALA A 175 -1.09 5.60 8.37
N ARG A 176 -0.36 5.03 9.32
CA ARG A 176 -0.24 5.59 10.66
C ARG A 176 1.21 5.48 11.08
N VAL A 177 1.64 6.39 11.95
CA VAL A 177 3.00 6.37 12.47
C VAL A 177 2.90 5.33 13.57
N ALA A 178 3.85 4.42 13.65
CA ALA A 178 3.78 3.41 14.69
C ALA A 178 4.06 4.10 16.03
N ASP A 179 3.06 4.79 16.55
CA ASP A 179 3.20 5.52 17.81
C ASP A 179 2.70 4.67 18.97
N PRO A 180 3.64 4.14 19.79
CA PRO A 180 3.31 3.31 20.95
C PRO A 180 2.32 3.98 21.91
N ASP A 181 2.59 5.25 22.24
CA ASP A 181 1.77 6.03 23.16
C ASP A 181 0.30 6.27 22.76
N HIS A 182 -0.13 5.70 21.64
CA HIS A 182 -1.52 5.81 21.19
C HIS A 182 -1.79 5.13 19.85
N ASP A 183 -2.90 4.38 19.82
CA ASP A 183 -3.36 3.63 18.66
C ASP A 183 -4.79 3.18 19.00
N HIS A 184 -5.76 3.64 18.20
CA HIS A 184 -7.18 3.36 18.41
C HIS A 184 -7.82 2.11 17.79
N THR A 185 -9.03 1.80 18.27
CA THR A 185 -9.83 0.66 17.80
C THR A 185 -10.71 1.09 16.62
N GLY A 186 -11.11 0.13 15.80
CA GLY A 186 -11.97 0.44 14.67
C GLY A 186 -11.37 0.39 13.27
N PHE A 187 -10.14 -0.10 13.13
CA PHE A 187 -9.54 -0.15 11.79
C PHE A 187 -10.31 -1.11 10.88
N LEU A 188 -10.71 -2.26 11.41
CA LEU A 188 -11.46 -3.25 10.64
C LEU A 188 -12.73 -2.62 10.08
N THR A 189 -13.35 -1.75 10.88
CA THR A 189 -14.61 -1.10 10.51
C THR A 189 -14.49 0.00 9.44
N GLU A 190 -13.26 0.38 9.13
CA GLU A 190 -12.99 1.38 8.10
C GLU A 190 -13.50 0.84 6.76
N TYR A 191 -13.82 1.74 5.82
CA TYR A 191 -14.26 1.26 4.52
C TYR A 191 -13.00 1.06 3.70
N VAL A 192 -12.89 -0.11 3.08
CA VAL A 192 -11.76 -0.42 2.22
C VAL A 192 -12.35 -1.17 1.05
N ALA A 193 -11.73 -1.01 -0.11
CA ALA A 193 -12.24 -1.67 -1.29
C ALA A 193 -12.14 -3.18 -1.18
N THR A 194 -11.17 -3.66 -0.40
CA THR A 194 -10.97 -5.10 -0.21
C THR A 194 -10.20 -5.41 1.06
N ARG A 195 -10.57 -6.54 1.67
CA ARG A 195 -9.94 -6.99 2.90
C ARG A 195 -9.11 -8.25 2.65
N TRP A 196 -8.92 -8.61 1.38
CA TRP A 196 -8.16 -9.83 1.06
C TRP A 196 -6.69 -9.80 1.45
N TYR A 197 -6.16 -8.62 1.75
CA TYR A 197 -4.75 -8.47 2.06
C TYR A 197 -4.44 -8.11 3.53
N ARG A 198 -5.47 -8.15 4.35
CA ARG A 198 -5.34 -7.86 5.76
C ARG A 198 -4.86 -9.05 6.58
N ALA A 199 -3.85 -8.80 7.41
CA ALA A 199 -3.24 -9.79 8.29
C ALA A 199 -4.28 -10.32 9.27
N PRO A 200 -4.12 -11.58 9.72
CA PRO A 200 -5.08 -12.17 10.67
C PRO A 200 -5.22 -11.43 12.02
N GLU A 201 -4.14 -10.86 12.55
CA GLU A 201 -4.28 -10.11 13.79
C GLU A 201 -5.29 -8.94 13.68
N ILE A 202 -5.48 -8.37 12.49
CA ILE A 202 -6.39 -7.25 12.30
C ILE A 202 -7.83 -7.68 12.58
N MET A 203 -8.12 -8.96 12.34
CA MET A 203 -9.44 -9.52 12.60
C MET A 203 -9.53 -10.15 14.01
N LEU A 204 -8.41 -10.24 14.71
CA LEU A 204 -8.42 -10.88 16.03
C LEU A 204 -8.17 -9.97 17.22
N ASN A 205 -7.24 -9.02 17.09
CA ASN A 205 -6.98 -8.09 18.18
C ASN A 205 -7.55 -6.77 17.69
N SER A 206 -7.93 -5.90 18.62
CA SER A 206 -8.55 -4.62 18.29
C SER A 206 -7.58 -3.51 17.92
N LYS A 207 -6.30 -3.74 18.16
CA LYS A 207 -5.28 -2.73 17.85
C LYS A 207 -3.93 -3.35 18.16
N GLY A 208 -2.91 -2.52 18.32
CA GLY A 208 -1.60 -3.05 18.62
C GLY A 208 -0.94 -3.70 17.41
N TYR A 209 -1.36 -3.27 16.22
CA TYR A 209 -0.80 -3.81 14.97
C TYR A 209 0.61 -3.28 14.78
N THR A 210 1.49 -4.12 14.21
CA THR A 210 2.85 -3.67 13.96
C THR A 210 3.14 -3.64 12.47
N LYS A 211 4.40 -3.37 12.15
CA LYS A 211 4.90 -3.29 10.77
C LYS A 211 4.66 -4.62 10.06
N SER A 212 4.52 -5.68 10.85
CA SER A 212 4.31 -7.00 10.27
C SER A 212 3.00 -7.11 9.51
N ILE A 213 2.03 -6.21 9.72
CA ILE A 213 0.81 -6.34 8.93
C ILE A 213 1.15 -5.98 7.47
N ASP A 214 2.16 -5.14 7.24
CA ASP A 214 2.54 -4.80 5.85
C ASP A 214 3.25 -5.99 5.19
N ILE A 215 4.05 -6.73 5.95
CA ILE A 215 4.75 -7.91 5.41
C ILE A 215 3.68 -8.98 5.04
N TRP A 216 2.64 -9.10 5.84
CA TRP A 216 1.59 -10.07 5.50
C TRP A 216 0.93 -9.70 4.14
N SER A 217 0.62 -8.43 3.97
CA SER A 217 -0.02 -7.97 2.73
C SER A 217 0.88 -8.30 1.52
N VAL A 218 2.19 -8.09 1.67
CA VAL A 218 3.16 -8.37 0.60
C VAL A 218 3.17 -9.87 0.30
N GLY A 219 3.03 -10.68 1.34
CA GLY A 219 2.99 -12.10 1.14
C GLY A 219 1.78 -12.44 0.29
N CYS A 220 0.63 -11.79 0.54
CA CYS A 220 -0.57 -12.08 -0.24
C CYS A 220 -0.39 -11.66 -1.70
N ILE A 221 0.31 -10.55 -1.91
CA ILE A 221 0.57 -10.05 -3.24
C ILE A 221 1.52 -11.00 -3.97
N LEU A 222 2.53 -11.52 -3.29
CA LEU A 222 3.47 -12.46 -3.89
C LEU A 222 2.71 -13.72 -4.31
N ALA A 223 1.86 -14.21 -3.43
CA ALA A 223 1.07 -15.41 -3.73
C ALA A 223 0.24 -15.18 -4.98
N GLU A 224 -0.40 -14.01 -5.04
CA GLU A 224 -1.23 -13.65 -6.17
C GLU A 224 -0.43 -13.53 -7.48
N MET A 225 0.82 -13.05 -7.42
CA MET A 225 1.70 -12.98 -8.61
C MET A 225 2.07 -14.40 -9.11
N LEU A 226 2.13 -15.34 -8.18
CA LEU A 226 2.46 -16.74 -8.51
C LEU A 226 1.35 -17.51 -9.23
N SER A 227 0.09 -17.09 -9.08
CA SER A 227 -1.02 -17.82 -9.70
C SER A 227 -2.08 -16.95 -10.37
N ASN A 228 -1.89 -15.64 -10.35
CA ASN A 228 -2.86 -14.69 -10.90
C ASN A 228 -4.22 -14.75 -10.18
N ARG A 229 -4.28 -15.34 -8.99
CA ARG A 229 -5.55 -15.39 -8.24
C ARG A 229 -5.30 -15.00 -6.78
N PRO A 230 -6.26 -14.28 -6.14
CA PRO A 230 -6.02 -13.91 -4.73
C PRO A 230 -5.97 -15.20 -3.88
N ILE A 231 -5.06 -15.24 -2.91
CA ILE A 231 -4.92 -16.46 -2.12
C ILE A 231 -5.97 -16.58 -1.03
N PHE A 232 -6.42 -15.47 -0.46
CA PHE A 232 -7.45 -15.49 0.59
C PHE A 232 -8.62 -14.53 0.24
N PRO A 233 -9.45 -14.88 -0.76
CA PRO A 233 -10.58 -14.02 -1.18
C PRO A 233 -11.87 -14.17 -0.37
N GLY A 234 -11.82 -13.88 0.92
CA GLY A 234 -13.02 -14.02 1.73
C GLY A 234 -14.10 -13.02 1.36
N LYS A 235 -15.34 -13.35 1.69
CA LYS A 235 -16.45 -12.46 1.43
C LYS A 235 -16.92 -11.69 2.67
N HIS A 236 -16.15 -11.84 3.75
CA HIS A 236 -16.36 -11.15 5.02
C HIS A 236 -15.30 -11.59 6.02
N TYR A 237 -15.18 -10.83 7.11
CA TYR A 237 -14.17 -11.08 8.14
C TYR A 237 -14.10 -12.54 8.58
N LEU A 238 -15.27 -13.14 8.83
CA LEU A 238 -15.27 -14.51 9.28
C LEU A 238 -14.79 -15.43 8.17
N ASP A 239 -15.27 -15.20 6.96
CA ASP A 239 -14.87 -16.00 5.80
C ASP A 239 -13.36 -15.79 5.50
N GLN A 240 -12.88 -14.57 5.70
CA GLN A 240 -11.49 -14.22 5.46
C GLN A 240 -10.60 -15.08 6.36
N LEU A 241 -10.87 -15.06 7.66
CA LEU A 241 -10.08 -15.84 8.61
C LEU A 241 -10.17 -17.34 8.24
N ASN A 242 -11.32 -17.79 7.75
CA ASN A 242 -11.46 -19.19 7.37
C ASN A 242 -10.58 -19.57 6.17
N HIS A 243 -10.42 -18.66 5.22
CA HIS A 243 -9.56 -18.93 4.06
C HIS A 243 -8.12 -19.02 4.58
N ILE A 244 -7.77 -18.09 5.46
CA ILE A 244 -6.43 -18.08 6.02
C ILE A 244 -6.10 -19.37 6.77
N LEU A 245 -6.98 -19.77 7.67
CA LEU A 245 -6.75 -20.97 8.46
C LEU A 245 -6.86 -22.22 7.59
N GLY A 246 -7.60 -22.13 6.50
CA GLY A 246 -7.72 -23.27 5.61
C GLY A 246 -6.41 -23.62 4.90
N ILE A 247 -5.49 -22.66 4.81
CA ILE A 247 -4.23 -22.93 4.16
C ILE A 247 -3.09 -23.06 5.15
N LEU A 248 -3.06 -22.19 6.14
CA LEU A 248 -2.01 -22.22 7.14
C LEU A 248 -2.22 -23.33 8.17
N GLY A 249 -3.48 -23.68 8.40
CA GLY A 249 -3.82 -24.67 9.38
C GLY A 249 -4.15 -23.96 10.68
N SER A 250 -4.77 -24.68 11.62
CA SER A 250 -5.13 -24.10 12.92
C SER A 250 -3.87 -23.61 13.64
N PRO A 251 -3.98 -22.48 14.35
CA PRO A 251 -2.81 -21.96 15.05
C PRO A 251 -2.38 -22.92 16.16
N SER A 252 -1.09 -22.97 16.45
CA SER A 252 -0.58 -23.82 17.51
C SER A 252 -0.86 -23.13 18.83
N GLN A 253 -0.82 -23.86 19.95
CA GLN A 253 -1.06 -23.25 21.25
C GLN A 253 -0.15 -22.04 21.37
N GLU A 254 1.06 -22.18 20.83
CA GLU A 254 2.07 -21.12 20.85
C GLU A 254 1.57 -19.88 20.09
N ASP A 255 0.91 -20.08 18.94
CA ASP A 255 0.37 -18.97 18.16
C ASP A 255 -0.79 -18.29 18.88
N LEU A 256 -1.65 -19.08 19.52
CA LEU A 256 -2.78 -18.53 20.27
C LEU A 256 -2.33 -17.49 21.29
N ASN A 257 -1.07 -17.57 21.73
CA ASN A 257 -0.53 -16.63 22.71
C ASN A 257 -0.39 -15.20 22.18
N CYS A 258 -0.44 -15.01 20.86
CA CYS A 258 -0.31 -13.66 20.32
C CYS A 258 -1.69 -13.00 20.21
N ILE A 259 -2.73 -13.78 20.48
CA ILE A 259 -4.08 -13.24 20.42
C ILE A 259 -4.48 -12.93 21.85
N ILE A 260 -4.54 -11.65 22.18
CA ILE A 260 -4.87 -11.25 23.53
C ILE A 260 -6.36 -11.01 23.80
N ASN A 261 -7.13 -10.76 22.73
CA ASN A 261 -8.56 -10.52 22.86
C ASN A 261 -9.29 -11.81 23.26
N LEU A 262 -10.04 -11.73 24.36
CA LEU A 262 -10.78 -12.88 24.90
C LEU A 262 -11.77 -13.55 23.94
N LYS A 263 -12.61 -12.75 23.33
CA LYS A 263 -13.62 -13.28 22.41
C LYS A 263 -12.95 -13.88 21.14
N ALA A 264 -11.87 -13.26 20.68
CA ALA A 264 -11.14 -13.76 19.50
C ALA A 264 -10.46 -15.10 19.82
N ARG A 265 -9.86 -15.19 21.00
CA ARG A 265 -9.23 -16.43 21.38
C ARG A 265 -10.30 -17.52 21.53
N ASN A 266 -11.45 -17.18 22.13
CA ASN A 266 -12.50 -18.18 22.27
C ASN A 266 -13.02 -18.57 20.91
N TYR A 267 -13.08 -17.60 20.00
CA TYR A 267 -13.58 -17.88 18.65
C TYR A 267 -12.68 -18.89 17.94
N LEU A 268 -11.35 -18.73 18.07
CA LEU A 268 -10.41 -19.64 17.44
C LEU A 268 -10.50 -21.07 17.99
N LEU A 269 -10.67 -21.21 19.30
CA LEU A 269 -10.78 -22.53 19.94
C LEU A 269 -12.11 -23.21 19.66
N SER A 270 -13.05 -22.50 19.02
CA SER A 270 -14.36 -23.05 18.70
C SER A 270 -14.40 -23.54 17.26
N LEU A 271 -13.39 -23.13 16.50
CA LEU A 271 -13.23 -23.47 15.09
C LEU A 271 -12.68 -24.89 14.98
N PRO A 272 -13.11 -25.64 13.94
CA PRO A 272 -12.69 -27.02 13.69
C PRO A 272 -11.20 -27.08 13.33
N HIS A 273 -10.53 -28.16 13.70
CA HIS A 273 -9.12 -28.27 13.38
C HIS A 273 -8.91 -28.31 11.88
N LYS A 274 -7.81 -27.71 11.44
CA LYS A 274 -7.49 -27.68 10.02
C LYS A 274 -6.00 -27.92 9.85
N ASN A 275 -5.65 -28.73 8.85
CA ASN A 275 -4.25 -29.04 8.57
C ASN A 275 -3.65 -27.98 7.63
N LYS A 276 -2.34 -27.86 7.64
CA LYS A 276 -1.65 -26.90 6.79
C LYS A 276 -1.63 -27.49 5.37
N VAL A 277 -1.86 -26.65 4.36
CA VAL A 277 -1.80 -27.08 2.97
C VAL A 277 -0.38 -26.68 2.52
N PRO A 278 0.43 -27.65 2.05
CA PRO A 278 1.79 -27.30 1.62
C PRO A 278 1.78 -26.27 0.50
N TRP A 279 2.68 -25.29 0.59
CA TRP A 279 2.75 -24.23 -0.41
C TRP A 279 2.96 -24.83 -1.81
N ASN A 280 3.80 -25.86 -1.90
CA ASN A 280 4.09 -26.49 -3.18
C ASN A 280 2.88 -27.22 -3.77
N ARG A 281 1.83 -27.40 -2.98
CA ARG A 281 0.63 -28.04 -3.50
C ARG A 281 -0.24 -26.96 -4.13
N LEU A 282 -0.25 -25.77 -3.54
CA LEU A 282 -1.02 -24.64 -4.06
C LEU A 282 -0.33 -24.03 -5.29
N PHE A 283 1.01 -23.99 -5.23
CA PHE A 283 1.83 -23.41 -6.31
C PHE A 283 2.93 -24.37 -6.79
N PRO A 284 2.54 -25.43 -7.52
CA PRO A 284 3.44 -26.45 -8.07
C PRO A 284 4.48 -25.95 -9.09
N ASN A 285 4.22 -24.81 -9.75
CA ASN A 285 5.13 -24.31 -10.78
C ASN A 285 6.02 -23.17 -10.31
N ALA A 286 5.88 -22.81 -9.04
CA ALA A 286 6.65 -21.71 -8.45
C ALA A 286 8.06 -22.11 -8.04
N ASP A 287 8.92 -21.11 -8.03
CA ASP A 287 10.31 -21.22 -7.63
C ASP A 287 10.31 -21.59 -6.15
N SER A 288 11.09 -22.60 -5.79
CA SER A 288 11.18 -23.06 -4.40
C SER A 288 11.57 -21.97 -3.42
N LYS A 289 12.47 -21.09 -3.85
CA LYS A 289 12.93 -20.02 -2.96
C LYS A 289 11.80 -19.02 -2.75
N ALA A 290 11.01 -18.77 -3.79
CA ALA A 290 9.91 -17.82 -3.65
C ALA A 290 8.93 -18.38 -2.62
N LEU A 291 8.69 -19.69 -2.65
CA LEU A 291 7.79 -20.32 -1.69
C LEU A 291 8.37 -20.29 -0.25
N ASP A 292 9.67 -20.47 -0.11
CA ASP A 292 10.25 -20.41 1.22
C ASP A 292 10.03 -19.01 1.80
N LEU A 293 10.19 -18.00 0.96
CA LEU A 293 9.99 -16.62 1.40
C LEU A 293 8.50 -16.36 1.66
N LEU A 294 7.64 -16.92 0.81
CA LEU A 294 6.20 -16.74 0.99
C LEU A 294 5.79 -17.28 2.34
N ASP A 295 6.35 -18.43 2.69
CA ASP A 295 6.05 -19.07 3.94
C ASP A 295 6.43 -18.19 5.13
N LYS A 296 7.55 -17.47 5.02
CA LYS A 296 8.00 -16.61 6.12
C LYS A 296 7.22 -15.30 6.23
N MET A 297 6.61 -14.88 5.13
CA MET A 297 5.79 -13.68 5.14
C MET A 297 4.36 -13.99 5.60
N LEU A 298 3.84 -15.18 5.27
CA LEU A 298 2.47 -15.55 5.66
C LEU A 298 2.47 -16.43 6.90
N THR A 299 3.13 -15.92 7.94
CA THR A 299 3.21 -16.59 9.22
C THR A 299 2.13 -15.98 10.09
N PHE A 300 1.27 -16.85 10.62
CA PHE A 300 0.19 -16.43 11.47
C PHE A 300 0.61 -15.54 12.64
N ASN A 301 1.62 -15.95 13.39
CA ASN A 301 2.12 -15.18 14.52
C ASN A 301 2.91 -13.97 14.03
N PRO A 302 2.41 -12.75 14.30
CA PRO A 302 3.03 -11.47 13.91
C PRO A 302 4.50 -11.35 14.30
N HIS A 303 4.86 -11.92 15.44
CA HIS A 303 6.24 -11.84 15.92
C HIS A 303 7.21 -12.77 15.16
N LYS A 304 6.70 -13.84 14.56
CA LYS A 304 7.57 -14.75 13.82
C LYS A 304 7.68 -14.35 12.36
N ARG A 305 6.78 -13.50 11.92
CA ARG A 305 6.75 -13.06 10.55
C ARG A 305 8.07 -12.38 10.19
N ILE A 306 8.60 -12.67 9.01
CA ILE A 306 9.86 -12.07 8.59
C ILE A 306 9.78 -10.53 8.50
N GLU A 307 10.87 -9.83 8.87
CA GLU A 307 10.98 -8.35 8.80
C GLU A 307 11.39 -7.86 7.42
N VAL A 308 11.14 -6.60 7.10
CA VAL A 308 11.44 -6.14 5.73
C VAL A 308 12.91 -6.35 5.36
N GLU A 309 13.82 -6.02 6.28
CA GLU A 309 15.24 -6.18 6.00
C GLU A 309 15.67 -7.63 5.81
N GLN A 310 15.09 -8.56 6.57
CA GLN A 310 15.44 -9.98 6.40
C GLN A 310 14.86 -10.45 5.07
N ALA A 311 13.67 -9.93 4.73
CA ALA A 311 13.01 -10.32 3.49
C ALA A 311 13.89 -9.98 2.28
N LEU A 312 14.41 -8.74 2.25
CA LEU A 312 15.29 -8.32 1.15
C LEU A 312 16.53 -9.19 1.05
N ALA A 313 17.00 -9.69 2.20
CA ALA A 313 18.20 -10.54 2.28
C ALA A 313 17.95 -12.00 1.93
N HIS A 314 16.67 -12.34 1.72
CA HIS A 314 16.29 -13.70 1.36
C HIS A 314 16.93 -14.09 0.02
N PRO A 315 17.32 -15.36 -0.11
CA PRO A 315 17.95 -15.95 -1.31
C PRO A 315 17.12 -15.74 -2.58
N TYR A 316 15.81 -15.76 -2.48
CA TYR A 316 15.01 -15.52 -3.66
C TYR A 316 15.33 -14.17 -4.33
N LEU A 317 15.69 -13.17 -3.54
CA LEU A 317 16.01 -11.82 -4.04
C LEU A 317 17.50 -11.49 -4.16
N GLU A 318 18.35 -12.51 -4.12
CA GLU A 318 19.79 -12.31 -4.17
C GLU A 318 20.31 -11.50 -5.36
N GLN A 319 19.70 -11.63 -6.52
CA GLN A 319 20.24 -10.86 -7.64
C GLN A 319 19.96 -9.37 -7.55
N TYR A 320 19.09 -8.96 -6.64
CA TYR A 320 18.74 -7.55 -6.49
C TYR A 320 19.12 -6.95 -5.15
N TYR A 321 19.31 -7.76 -4.12
CA TYR A 321 19.65 -7.20 -2.81
C TYR A 321 20.91 -6.37 -2.94
N ASP A 322 20.89 -5.17 -2.38
CA ASP A 322 22.07 -4.31 -2.40
C ASP A 322 21.88 -3.20 -1.38
N PRO A 323 22.16 -3.50 -0.10
CA PRO A 323 21.99 -2.51 0.96
C PRO A 323 22.79 -1.21 0.81
N SER A 324 23.66 -1.12 -0.20
CA SER A 324 24.37 0.14 -0.40
C SER A 324 23.46 1.07 -1.25
N ASP A 325 22.44 0.48 -1.88
CA ASP A 325 21.50 1.26 -2.72
C ASP A 325 20.04 0.97 -2.37
N GLU A 326 19.73 1.07 -1.09
CA GLU A 326 18.37 0.87 -0.57
C GLU A 326 18.16 1.88 0.55
N PRO A 327 17.88 3.15 0.17
CA PRO A 327 17.65 4.30 1.06
C PRO A 327 16.71 4.06 2.22
N ILE A 328 16.98 4.73 3.35
CA ILE A 328 16.13 4.65 4.51
C ILE A 328 15.84 6.12 4.83
N ALA A 329 14.77 6.38 5.58
CA ALA A 329 14.44 7.75 5.96
C ALA A 329 15.50 8.25 6.92
N GLU A 330 15.98 9.46 6.69
CA GLU A 330 17.00 10.02 7.57
C GLU A 330 16.41 10.28 8.95
N ALA A 331 15.14 10.67 8.97
CA ALA A 331 14.47 10.98 10.23
C ALA A 331 13.11 10.31 10.37
N PRO A 332 13.00 9.34 11.28
CA PRO A 332 11.73 8.62 11.49
C PRO A 332 10.71 9.47 12.20
N PHE A 333 9.44 9.36 11.79
CA PHE A 333 8.37 10.11 12.45
C PHE A 333 8.22 9.50 13.83
N LYS A 334 8.23 10.30 14.87
CA LYS A 334 8.08 9.73 16.21
C LYS A 334 6.66 9.78 16.75
N PHE A 335 5.85 10.71 16.25
CA PHE A 335 4.49 10.82 16.75
C PHE A 335 3.41 10.78 15.67
N ASP A 336 2.28 10.17 16.02
CA ASP A 336 1.15 10.09 15.12
C ASP A 336 0.29 11.28 15.45
N MET A 337 -0.56 11.66 14.52
CA MET A 337 -1.42 12.82 14.68
C MET A 337 -2.82 12.57 15.24
N GLU A 338 -3.19 13.38 16.24
CA GLU A 338 -4.51 13.30 16.85
C GLU A 338 -5.50 13.85 15.83
N LEU A 339 -5.97 12.99 14.93
CA LEU A 339 -6.91 13.44 13.89
C LEU A 339 -8.35 12.98 14.10
N ASP A 340 -8.56 12.16 15.12
CA ASP A 340 -9.89 11.65 15.39
C ASP A 340 -10.65 12.59 16.30
N ASP A 341 -9.95 13.14 17.29
CA ASP A 341 -10.56 14.06 18.23
C ASP A 341 -10.66 15.45 17.62
N LEU A 342 -10.28 15.57 16.35
CA LEU A 342 -10.30 16.84 15.64
C LEU A 342 -11.49 16.99 14.69
N PRO A 343 -12.27 18.08 14.86
CA PRO A 343 -13.43 18.35 14.01
C PRO A 343 -12.91 18.58 12.60
N LYS A 344 -13.73 18.33 11.59
CA LYS A 344 -13.29 18.51 10.22
C LYS A 344 -12.77 19.91 9.93
N GLU A 345 -13.38 20.92 10.55
CA GLU A 345 -12.94 22.30 10.33
C GLU A 345 -11.46 22.48 10.67
N LYS A 346 -10.98 21.81 11.71
CA LYS A 346 -9.58 21.91 12.06
C LYS A 346 -8.73 21.04 11.12
N LEU A 347 -9.38 20.11 10.43
CA LEU A 347 -8.67 19.24 9.48
C LEU A 347 -8.52 20.02 8.18
N LYS A 348 -9.63 20.59 7.71
CA LYS A 348 -9.62 21.40 6.49
C LYS A 348 -8.54 22.45 6.69
N GLU A 349 -8.46 22.95 7.92
CA GLU A 349 -7.50 23.97 8.31
C GLU A 349 -6.08 23.46 8.07
N LEU A 350 -5.72 22.37 8.75
CA LEU A 350 -4.40 21.78 8.63
C LEU A 350 -4.08 21.42 7.18
N ILE A 351 -5.09 21.01 6.44
CA ILE A 351 -4.92 20.65 5.04
C ILE A 351 -4.57 21.91 4.26
N PHE A 352 -5.03 23.06 4.78
CA PHE A 352 -4.78 24.34 4.13
C PHE A 352 -3.32 24.71 4.34
N GLU A 353 -2.81 24.46 5.54
CA GLU A 353 -1.42 24.76 5.88
C GLU A 353 -0.43 23.87 5.13
N GLU A 354 -0.72 22.57 5.07
CA GLU A 354 0.16 21.60 4.41
C GLU A 354 0.28 21.77 2.90
N THR A 355 -0.73 22.37 2.29
CA THR A 355 -0.73 22.58 0.86
C THR A 355 -0.23 23.97 0.51
N ALA A 356 0.12 24.74 1.53
CA ALA A 356 0.59 26.11 1.33
C ALA A 356 1.86 26.20 0.49
N ARG A 357 2.82 25.32 0.76
CA ARG A 357 4.09 25.32 0.03
C ARG A 357 3.97 25.33 -1.50
N PHE A 358 2.77 25.12 -2.02
CA PHE A 358 2.60 25.12 -3.48
C PHE A 358 1.88 26.36 -4.03
N GLN A 359 1.51 27.28 -3.14
CA GLN A 359 0.83 28.49 -3.57
C GLN A 359 1.85 29.59 -3.93
N PRO A 360 1.49 30.49 -4.85
CA PRO A 360 2.37 31.58 -5.29
C PRO A 360 3.04 32.33 -4.13
N ARG B 1 17.49 2.87 -14.96
CA ARG B 1 16.50 1.91 -14.40
C ARG B 1 17.15 1.09 -13.27
N LEU B 2 16.49 1.04 -12.12
CA LEU B 2 17.00 0.29 -10.97
C LEU B 2 17.47 -1.09 -11.39
N GLN B 3 16.76 -1.70 -12.34
CA GLN B 3 17.10 -3.02 -12.84
C GLN B 3 18.45 -3.06 -13.58
N GLU B 4 18.71 -2.06 -14.42
CA GLU B 4 19.98 -2.03 -15.15
C GLU B 4 21.07 -1.90 -14.12
N ARG B 5 20.85 -0.98 -13.20
CA ARG B 5 21.76 -0.68 -12.10
C ARG B 5 22.21 -1.97 -11.41
N ARG B 6 21.27 -2.90 -11.22
CA ARG B 6 21.57 -4.16 -10.55
C ARG B 6 22.21 -5.17 -11.49
N GLY B 7 22.41 -4.76 -12.74
CA GLY B 7 23.03 -5.62 -13.72
C GLY B 7 22.10 -6.64 -14.36
N SER B 8 20.78 -6.42 -14.23
CA SER B 8 19.83 -7.36 -14.83
C SER B 8 19.52 -6.88 -16.24
N ASN B 9 19.70 -7.78 -17.20
CA ASN B 9 19.49 -7.47 -18.62
C ASN B 9 18.12 -7.91 -19.13
N VAL B 10 17.51 -8.86 -18.43
CA VAL B 10 16.21 -9.39 -18.81
C VAL B 10 15.25 -8.28 -19.16
N ALA B 11 14.77 -8.29 -20.40
CA ALA B 11 13.83 -7.28 -20.87
C ALA B 11 12.44 -7.57 -20.35
N LEU B 12 12.10 -7.01 -19.19
CA LEU B 12 10.80 -7.24 -18.59
C LEU B 12 9.73 -6.38 -19.25
N MET B 13 8.78 -7.04 -19.91
CA MET B 13 7.71 -6.32 -20.57
C MET B 13 6.35 -6.50 -19.92
N LEU B 14 5.47 -5.55 -20.19
CA LEU B 14 4.11 -5.57 -19.67
C LEU B 14 3.18 -5.67 -20.86
N ASP B 15 2.06 -6.36 -20.71
CA ASP B 15 1.14 -6.49 -21.80
C ASP B 15 -0.08 -5.60 -21.62
N CYS B 16 -0.21 -5.01 -20.43
CA CYS B 16 -1.33 -4.11 -20.15
C CYS B 16 -0.99 -3.19 -18.98
#